data_6ONM
#
_entry.id   6ONM
#
_cell.length_a   85.810
_cell.length_b   85.810
_cell.length_c   217.620
_cell.angle_alpha   90.000
_cell.angle_beta   90.000
_cell.angle_gamma   90.000
#
_symmetry.space_group_name_H-M   'P 41 21 2'
#
loop_
_entity.id
_entity.type
_entity.pdbx_description
1 polymer '(+)-limonene synthase'
2 non-polymer 'MANGANESE (II) ION'
3 non-polymer '(3R)-8-fluoro-7-(fluoromethyl)-3-methylocta-1,6-dien-3-yl trihydrogen diphosphate'
4 water water
#
_entity_poly.entity_id   1
_entity_poly.type   'polypeptide(L)'
_entity_poly.pdbx_seq_one_letter_code
;MSSCINPSTLATSVNGFKCLPLATNRAAIRIMAKNKPVQCLVSTKYDNLTVDRRSANYQPSIWDHDFLQSLNSNYTDETY
KRRAEELKGKVKTAIKDVTEPLDQLELIDNLQRLGLAYHFEPEIRNILRNIHNHNKDYNWRKENLYATSLEFRLLRQHGY
PVSQEVFSGFKDDKVGFICDDFKGILSLHEASYYSLEGESIMEEAWQFTSKHLKEMMITSNSKEEDVFVAEQAKRALELP
LHWKAPMLEARWFIHVYEKREDKNHLLLELAKLEFNTLQAIYQEELKDISGWWKDTGLGEKLSFARNRLVASFLWSMGIA
FEPQFAYCRRVLTISIALITVIDDIYDVYGTLDELEIFTDAVARWDINYALKHLPGYMKMCFLALYNFVNEFAYYVLKQQ
DFDMLLSIKHAWLGLIQAYLVEAKWYHSKYTPKLEEYLENGLVSITGPLIITISYLSGTNPIIKKELEFLESNPDIVHWS
SKIFRLQDDLGTSSDEIQRGDVPKSIQCYMHETGASEEVAREHIKDMMRQMWKKVNAYTADKDSPLTRTTAEFLLNLVRM
SHFMYLHGDGHGVQNQETIDVGFTLLFQPIPLEDKDMAFTASPGTKG
;
_entity_poly.pdbx_strand_id   A
#
# COMPACT_ATOMS: atom_id res chain seq x y z
N SER A 61 -15.91 4.86 -15.54
CA SER A 61 -14.91 4.95 -16.61
C SER A 61 -14.97 6.29 -17.33
N ILE A 62 -15.25 7.36 -16.58
CA ILE A 62 -15.40 8.68 -17.19
C ILE A 62 -14.05 9.23 -17.64
N TRP A 63 -12.97 8.91 -16.93
CA TRP A 63 -11.67 9.51 -17.19
C TRP A 63 -10.94 8.68 -18.25
N ASP A 64 -11.34 8.90 -19.50
CA ASP A 64 -10.79 8.17 -20.63
C ASP A 64 -9.50 8.84 -21.11
N HIS A 65 -8.97 8.37 -22.23
CA HIS A 65 -7.73 8.94 -22.78
C HIS A 65 -7.89 10.42 -23.10
N ASP A 66 -9.04 10.81 -23.65
CA ASP A 66 -9.23 12.20 -24.06
C ASP A 66 -9.27 13.13 -22.87
N PHE A 67 -9.87 12.71 -21.76
CA PHE A 67 -9.88 13.53 -20.55
C PHE A 67 -8.46 13.72 -20.02
N LEU A 68 -7.67 12.67 -20.01
CA LEU A 68 -6.32 12.74 -19.45
C LEU A 68 -5.43 13.66 -20.28
N GLN A 69 -5.57 13.60 -21.60
CA GLN A 69 -4.71 14.41 -22.47
C GLN A 69 -5.04 15.89 -22.36
N SER A 70 -6.27 16.23 -21.97
CA SER A 70 -6.73 17.62 -21.97
C SER A 70 -6.35 18.36 -20.70
N LEU A 71 -5.85 17.67 -19.68
CA LEU A 71 -5.49 18.33 -18.43
C LEU A 71 -4.24 19.19 -18.63
N ASN A 72 -4.23 20.34 -17.93
CA ASN A 72 -3.11 21.29 -18.02
C ASN A 72 -3.05 22.02 -16.67
N SER A 73 -2.53 21.32 -15.67
CA SER A 73 -2.37 21.92 -14.34
C SER A 73 -1.36 23.06 -14.39
N ASN A 74 -1.64 24.10 -13.60
CA ASN A 74 -0.71 25.22 -13.50
C ASN A 74 0.53 24.88 -12.70
N TYR A 75 0.45 23.86 -11.84
CA TYR A 75 1.51 23.56 -10.89
C TYR A 75 2.68 22.81 -11.49
N THR A 76 2.62 22.48 -12.79
CA THR A 76 3.81 21.98 -13.47
C THR A 76 4.84 23.09 -13.68
N ASP A 77 4.43 24.35 -13.55
CA ASP A 77 5.28 25.45 -13.94
C ASP A 77 6.39 25.68 -12.91
N GLU A 78 7.38 26.48 -13.31
CA GLU A 78 8.62 26.61 -12.57
C GLU A 78 8.48 27.53 -11.36
N THR A 79 7.54 28.48 -11.39
CA THR A 79 7.42 29.43 -10.30
C THR A 79 7.10 28.73 -8.98
N TYR A 80 6.19 27.75 -9.01
CA TYR A 80 5.83 27.04 -7.79
C TYR A 80 7.01 26.27 -7.22
N LYS A 81 7.82 25.67 -8.10
CA LYS A 81 8.97 24.91 -7.63
C LYS A 81 10.02 25.81 -6.99
N ARG A 82 10.08 27.08 -7.38
CA ARG A 82 10.91 28.05 -6.66
C ARG A 82 10.37 28.28 -5.26
N ARG A 83 9.07 28.58 -5.15
CA ARG A 83 8.47 28.89 -3.86
C ARG A 83 8.56 27.70 -2.91
N ALA A 84 8.43 26.48 -3.43
CA ALA A 84 8.54 25.29 -2.59
C ALA A 84 9.93 25.18 -1.96
N GLU A 85 10.97 25.44 -2.75
CA GLU A 85 12.33 25.43 -2.21
C GLU A 85 12.51 26.50 -1.15
N GLU A 86 11.96 27.69 -1.39
CA GLU A 86 11.99 28.75 -0.38
C GLU A 86 11.32 28.29 0.90
N LEU A 87 10.17 27.62 0.77
CA LEU A 87 9.44 27.15 1.95
C LEU A 87 10.18 26.02 2.66
N LYS A 88 10.77 25.10 1.90
CA LYS A 88 11.52 24.01 2.51
C LYS A 88 12.63 24.54 3.41
N GLY A 89 13.42 25.49 2.90
CA GLY A 89 14.47 26.07 3.72
C GLY A 89 13.94 26.79 4.94
N LYS A 90 12.87 27.57 4.75
CA LYS A 90 12.27 28.28 5.88
C LYS A 90 11.72 27.32 6.92
N VAL A 91 11.19 26.17 6.47
CA VAL A 91 10.65 25.19 7.42
C VAL A 91 11.79 24.51 8.18
N LYS A 92 12.87 24.16 7.48
CA LYS A 92 14.02 23.55 8.14
C LYS A 92 14.54 24.42 9.29
N THR A 93 14.48 25.75 9.13
CA THR A 93 14.88 26.63 10.21
C THR A 93 13.92 26.55 11.39
N ALA A 94 12.62 26.46 11.11
CA ALA A 94 11.63 26.36 12.18
C ALA A 94 11.78 25.06 12.96
N ILE A 95 12.20 23.99 12.28
CA ILE A 95 12.39 22.70 12.96
C ILE A 95 13.48 22.81 14.02
N LYS A 96 14.54 23.57 13.73
CA LYS A 96 15.63 23.74 14.69
C LYS A 96 15.13 24.29 16.02
N ASP A 97 14.17 25.22 15.97
CA ASP A 97 13.74 25.93 17.17
C ASP A 97 12.75 25.13 18.03
N VAL A 98 12.29 23.98 17.57
CA VAL A 98 11.49 23.08 18.40
C VAL A 98 12.47 22.17 19.12
N THR A 99 12.50 22.30 20.46
CA THR A 99 13.47 21.57 21.28
C THR A 99 12.82 20.70 22.36
N GLU A 100 11.60 21.00 22.78
CA GLU A 100 10.92 20.16 23.75
C GLU A 100 10.52 18.84 23.10
N PRO A 101 10.73 17.71 23.78
CA PRO A 101 10.50 16.41 23.12
C PRO A 101 9.08 16.18 22.64
N LEU A 102 8.06 16.62 23.40
CA LEU A 102 6.68 16.41 22.96
C LEU A 102 6.38 17.24 21.72
N ASP A 103 6.84 18.49 21.68
CA ASP A 103 6.72 19.29 20.46
C ASP A 103 7.47 18.66 19.31
N GLN A 104 8.64 18.06 19.60
CA GLN A 104 9.38 17.34 18.57
C GLN A 104 8.58 16.15 18.05
N LEU A 105 7.91 15.43 18.93
CA LEU A 105 7.12 14.28 18.50
C LEU A 105 5.85 14.71 17.78
N GLU A 106 5.21 15.78 18.26
CA GLU A 106 4.03 16.30 17.56
C GLU A 106 4.39 16.88 16.19
N LEU A 107 5.59 17.44 16.06
CA LEU A 107 6.03 17.95 14.76
C LEU A 107 6.16 16.83 13.75
N ILE A 108 6.79 15.72 14.13
CA ILE A 108 6.96 14.58 13.22
C ILE A 108 5.60 14.03 12.82
N ASP A 109 4.71 13.87 13.80
CA ASP A 109 3.35 13.42 13.50
C ASP A 109 2.69 14.33 12.47
N ASN A 110 2.82 15.64 12.64
CA ASN A 110 2.24 16.57 11.68
C ASN A 110 2.94 16.48 10.33
N LEU A 111 4.27 16.36 10.33
CA LEU A 111 5.00 16.29 9.07
C LEU A 111 4.64 15.03 8.28
N GLN A 112 4.57 13.89 8.97
CA GLN A 112 4.22 12.64 8.29
C GLN A 112 2.80 12.69 7.75
N ARG A 113 1.86 13.23 8.53
CA ARG A 113 0.46 13.22 8.13
C ARG A 113 0.13 14.29 7.08
N LEU A 114 1.02 15.27 6.88
CA LEU A 114 0.84 16.26 5.83
C LEU A 114 1.43 15.81 4.49
N GLY A 115 2.08 14.66 4.45
CA GLY A 115 2.73 14.22 3.23
C GLY A 115 4.04 14.91 2.92
N LEU A 116 4.64 15.55 3.92
CA LEU A 116 5.88 16.31 3.75
C LEU A 116 7.10 15.60 4.33
N ALA A 117 6.93 14.41 4.89
CA ALA A 117 7.99 13.80 5.70
C ALA A 117 9.22 13.44 4.85
N TYR A 118 9.04 13.14 3.57
CA TYR A 118 10.18 12.71 2.77
C TYR A 118 11.11 13.87 2.42
N HIS A 119 10.68 15.11 2.65
CA HIS A 119 11.58 16.25 2.45
C HIS A 119 12.51 16.46 3.64
N PHE A 120 12.06 16.11 4.84
CA PHE A 120 12.81 16.35 6.07
C PHE A 120 13.23 15.04 6.75
N GLU A 121 13.70 14.07 5.97
CA GLU A 121 14.12 12.79 6.53
C GLU A 121 15.26 12.93 7.54
N PRO A 122 16.40 13.54 7.20
CA PRO A 122 17.48 13.63 8.21
C PRO A 122 17.08 14.44 9.43
N GLU A 123 16.24 15.47 9.25
CA GLU A 123 15.79 16.27 10.39
C GLU A 123 14.94 15.42 11.34
N ILE A 124 14.03 14.61 10.79
CA ILE A 124 13.24 13.70 11.61
C ILE A 124 14.15 12.66 12.28
N ARG A 125 15.11 12.13 11.52
CA ARG A 125 15.99 11.09 12.05
C ARG A 125 16.74 11.59 13.28
N ASN A 126 17.27 12.82 13.21
CA ASN A 126 17.93 13.41 14.37
C ASN A 126 17.03 13.43 15.59
N ILE A 127 15.79 13.90 15.40
CA ILE A 127 14.86 14.04 16.52
C ILE A 127 14.59 12.70 17.19
N LEU A 128 14.26 11.69 16.38
CA LEU A 128 13.96 10.37 16.94
C LEU A 128 15.22 9.73 17.52
N ARG A 129 16.35 9.87 16.83
CA ARG A 129 17.61 9.33 17.36
C ARG A 129 17.96 9.98 18.69
N ASN A 130 17.69 11.29 18.83
CA ASN A 130 17.97 11.97 20.08
C ASN A 130 17.03 11.51 21.19
N ILE A 131 15.74 11.38 20.89
CA ILE A 131 14.77 10.95 21.89
C ILE A 131 15.06 9.52 22.33
N HIS A 132 15.56 8.68 21.43
CA HIS A 132 15.90 7.32 21.81
C HIS A 132 17.07 7.28 22.78
N ASN A 133 18.04 8.19 22.62
CA ASN A 133 19.17 8.25 23.54
C ASN A 133 18.73 8.60 24.95
N HIS A 134 17.82 9.57 25.09
CA HIS A 134 17.38 10.01 26.40
C HIS A 134 16.36 9.08 27.04
N ASN A 135 15.69 8.24 26.25
CA ASN A 135 14.70 7.31 26.79
C ASN A 135 15.37 6.23 27.64
N LYS A 142 7.11 9.54 32.08
CA LYS A 142 6.19 10.51 31.48
C LYS A 142 4.91 10.62 32.30
N GLU A 143 4.24 9.48 32.50
CA GLU A 143 2.95 9.39 33.18
C GLU A 143 1.83 10.10 32.40
N ASN A 144 2.06 10.37 31.12
CA ASN A 144 1.04 10.90 30.22
C ASN A 144 0.76 9.84 29.16
N LEU A 145 -0.51 9.41 29.06
CA LEU A 145 -0.83 8.34 28.12
C LEU A 145 -0.68 8.79 26.69
N TYR A 146 -1.12 10.01 26.36
CA TYR A 146 -0.96 10.52 25.01
C TYR A 146 0.51 10.60 24.63
N ALA A 147 1.33 11.19 25.50
CA ALA A 147 2.76 11.34 25.20
C ALA A 147 3.47 9.99 25.12
N THR A 148 3.11 9.06 26.01
CA THR A 148 3.71 7.73 25.96
C THR A 148 3.32 6.99 24.68
N SER A 149 2.04 7.07 24.30
CA SER A 149 1.58 6.34 23.13
C SER A 149 2.15 6.92 21.84
N LEU A 150 2.24 8.25 21.76
CA LEU A 150 2.78 8.88 20.56
C LEU A 150 4.25 8.55 20.37
N GLU A 151 5.04 8.65 21.44
CA GLU A 151 6.45 8.28 21.34
C GLU A 151 6.60 6.81 20.96
N PHE A 152 5.79 5.94 21.56
CA PHE A 152 5.83 4.51 21.24
C PHE A 152 5.56 4.27 19.76
N ARG A 153 4.51 4.91 19.22
CA ARG A 153 4.15 4.70 17.83
C ARG A 153 5.26 5.17 16.89
N LEU A 154 5.76 6.39 17.11
CA LEU A 154 6.74 6.97 16.21
C LEU A 154 8.06 6.21 16.26
N LEU A 155 8.50 5.80 17.45
CA LEU A 155 9.76 5.08 17.56
C LEU A 155 9.66 3.70 16.93
N ARG A 156 8.56 2.99 17.15
CA ARG A 156 8.40 1.67 16.52
C ARG A 156 8.24 1.80 15.01
N GLN A 157 7.56 2.86 14.56
CA GLN A 157 7.37 3.07 13.13
C GLN A 157 8.70 3.20 12.40
N HIS A 158 9.67 3.85 13.03
CA HIS A 158 10.96 4.10 12.42
C HIS A 158 12.04 3.14 12.88
N GLY A 159 11.67 2.00 13.46
CA GLY A 159 12.58 0.90 13.70
C GLY A 159 13.32 0.91 15.01
N TYR A 160 12.98 1.80 15.93
CA TYR A 160 13.64 1.79 17.22
C TYR A 160 12.96 0.81 18.17
N PRO A 161 13.70 0.25 19.14
CA PRO A 161 13.08 -0.65 20.11
C PRO A 161 12.47 0.10 21.29
N VAL A 162 11.16 -0.09 21.50
CA VAL A 162 10.47 0.39 22.70
C VAL A 162 9.73 -0.79 23.30
N SER A 163 9.84 -0.94 24.62
CA SER A 163 9.17 -2.04 25.30
C SER A 163 7.68 -1.77 25.44
N GLN A 164 6.89 -2.84 25.39
CA GLN A 164 5.47 -2.70 25.69
C GLN A 164 5.23 -2.32 27.15
N GLU A 165 6.24 -2.52 28.00
CA GLU A 165 6.14 -2.21 29.42
C GLU A 165 6.10 -0.71 29.72
N VAL A 166 6.15 0.14 28.69
CA VAL A 166 6.00 1.57 28.91
C VAL A 166 4.57 1.93 29.22
N PHE A 167 3.62 1.05 28.91
CA PHE A 167 2.21 1.27 29.20
C PHE A 167 1.76 0.64 30.52
N SER A 168 2.67 0.00 31.24
CA SER A 168 2.29 -0.74 32.45
C SER A 168 1.72 0.18 33.52
N GLY A 169 2.11 1.46 33.52
CA GLY A 169 1.63 2.36 34.56
C GLY A 169 0.13 2.61 34.49
N PHE A 170 -0.44 2.59 33.29
CA PHE A 170 -1.86 2.85 33.07
C PHE A 170 -2.70 1.59 33.13
N LYS A 171 -2.10 0.43 33.31
CA LYS A 171 -2.80 -0.86 33.28
C LYS A 171 -2.79 -1.49 34.67
N ASP A 172 -3.99 -1.68 35.22
CA ASP A 172 -4.16 -2.43 36.47
C ASP A 172 -4.30 -3.91 36.16
N ASP A 173 -3.59 -4.75 36.92
CA ASP A 173 -3.57 -6.18 36.65
C ASP A 173 -4.97 -6.79 36.77
N LYS A 174 -5.77 -6.32 37.73
CA LYS A 174 -7.07 -6.93 37.97
C LYS A 174 -8.15 -6.35 37.05
N VAL A 175 -8.17 -5.03 36.87
CA VAL A 175 -9.27 -4.35 36.20
C VAL A 175 -8.88 -3.82 34.83
N GLY A 176 -7.63 -4.02 34.38
CA GLY A 176 -7.24 -3.63 33.05
C GLY A 176 -6.81 -2.18 32.93
N PHE A 177 -7.02 -1.58 31.76
CA PHE A 177 -6.57 -0.22 31.52
C PHE A 177 -7.50 0.80 32.17
N ILE A 178 -6.91 1.87 32.69
CA ILE A 178 -7.64 2.94 33.37
C ILE A 178 -7.36 4.23 32.62
N CYS A 179 -8.36 4.74 31.91
CA CYS A 179 -8.22 6.05 31.29
C CYS A 179 -9.59 6.60 30.95
N ASP A 180 -9.71 7.92 31.05
CA ASP A 180 -10.88 8.66 30.62
C ASP A 180 -10.59 9.65 29.51
N ASP A 181 -9.33 9.98 29.26
CA ASP A 181 -8.96 10.99 28.27
C ASP A 181 -9.06 10.40 26.87
N PHE A 182 -9.94 10.98 26.05
CA PHE A 182 -10.07 10.51 24.67
C PHE A 182 -8.76 10.66 23.90
N LYS A 183 -8.07 11.78 24.10
CA LYS A 183 -6.84 12.05 23.36
C LYS A 183 -5.78 10.97 23.62
N GLY A 184 -5.61 10.59 24.89
CA GLY A 184 -4.68 9.53 25.22
C GLY A 184 -5.14 8.17 24.73
N ILE A 185 -6.45 7.93 24.72
CA ILE A 185 -6.98 6.65 24.22
C ILE A 185 -6.77 6.55 22.71
N LEU A 186 -6.98 7.66 21.99
CA LEU A 186 -6.82 7.64 20.54
C LEU A 186 -5.38 7.35 20.14
N SER A 187 -4.42 7.95 20.85
CA SER A 187 -3.02 7.73 20.52
C SER A 187 -2.58 6.31 20.88
N LEU A 188 -3.10 5.77 21.99
CA LEU A 188 -2.82 4.39 22.34
C LEU A 188 -3.39 3.43 21.31
N HIS A 189 -4.58 3.72 20.81
CA HIS A 189 -5.19 2.89 19.77
C HIS A 189 -4.31 2.83 18.53
N GLU A 190 -3.78 3.99 18.12
CA GLU A 190 -2.87 4.02 16.98
C GLU A 190 -1.60 3.22 17.28
N ALA A 191 -1.05 3.39 18.48
CA ALA A 191 0.17 2.69 18.85
C ALA A 191 -0.06 1.18 18.96
N SER A 192 -1.29 0.75 19.24
CA SER A 192 -1.56 -0.67 19.42
C SER A 192 -1.33 -1.46 18.15
N TYR A 193 -1.45 -0.81 16.98
CA TYR A 193 -1.23 -1.52 15.72
C TYR A 193 0.24 -1.76 15.44
N TYR A 194 1.14 -1.11 16.18
CA TYR A 194 2.56 -1.41 16.12
C TYR A 194 2.94 -2.52 17.09
N SER A 195 1.94 -3.20 17.67
CA SER A 195 2.19 -4.33 18.55
C SER A 195 2.94 -5.43 17.82
N LEU A 196 3.75 -6.16 18.57
CA LEU A 196 4.41 -7.35 18.09
C LEU A 196 3.63 -8.59 18.50
N GLU A 197 4.05 -9.73 17.95
CA GLU A 197 3.40 -10.99 18.26
C GLU A 197 3.68 -11.39 19.71
N GLY A 198 2.61 -11.60 20.48
CA GLY A 198 2.75 -12.05 21.86
C GLY A 198 2.90 -10.95 22.88
N GLU A 199 2.76 -9.68 22.48
CA GLU A 199 2.81 -8.56 23.42
C GLU A 199 1.41 -8.35 23.98
N SER A 200 1.12 -9.05 25.08
CA SER A 200 -0.24 -9.11 25.59
C SER A 200 -0.74 -7.78 26.15
N ILE A 201 0.16 -6.90 26.56
CA ILE A 201 -0.25 -5.56 26.98
C ILE A 201 -0.84 -4.81 25.79
N MET A 202 -0.16 -4.86 24.65
CA MET A 202 -0.62 -4.12 23.48
C MET A 202 -1.92 -4.69 22.94
N GLU A 203 -2.07 -6.02 22.97
CA GLU A 203 -3.33 -6.64 22.57
C GLU A 203 -4.46 -6.17 23.47
N GLU A 204 -4.25 -6.20 24.78
CA GLU A 204 -5.27 -5.70 25.70
C GLU A 204 -5.49 -4.21 25.51
N ALA A 205 -4.43 -3.47 25.17
CA ALA A 205 -4.59 -2.06 24.87
C ALA A 205 -5.50 -1.85 23.67
N TRP A 206 -5.35 -2.67 22.64
CA TRP A 206 -6.24 -2.57 21.48
C TRP A 206 -7.67 -2.95 21.86
N GLN A 207 -7.83 -4.04 22.62
CA GLN A 207 -9.15 -4.46 23.08
C GLN A 207 -9.83 -3.32 23.85
N PHE A 208 -9.07 -2.68 24.74
CA PHE A 208 -9.63 -1.61 25.56
C PHE A 208 -9.94 -0.38 24.73
N THR A 209 -9.03 0.02 23.84
CA THR A 209 -9.21 1.25 23.08
C THR A 209 -10.31 1.11 22.03
N SER A 210 -10.32 -0.01 21.30
CA SER A 210 -11.35 -0.20 20.26
C SER A 210 -12.74 -0.18 20.87
N LYS A 211 -12.93 -0.92 21.96
CA LYS A 211 -14.24 -0.97 22.61
C LYS A 211 -14.68 0.42 23.07
N HIS A 212 -13.78 1.17 23.70
CA HIS A 212 -14.10 2.53 24.12
C HIS A 212 -14.44 3.41 22.91
N LEU A 213 -13.67 3.27 21.82
CA LEU A 213 -13.93 4.08 20.64
C LEU A 213 -15.24 3.72 19.98
N LYS A 214 -15.62 2.43 20.03
CA LYS A 214 -16.88 2.01 19.45
C LYS A 214 -18.06 2.69 20.12
N GLU A 215 -17.95 2.99 21.42
CA GLU A 215 -19.06 3.60 22.15
C GLU A 215 -19.43 4.95 21.55
N MET A 216 -18.42 5.75 21.20
CA MET A 216 -18.66 7.03 20.54
C MET A 216 -19.10 6.81 19.10
N ASP A 226 -17.49 18.35 19.88
CA ASP A 226 -17.57 16.90 19.97
C ASP A 226 -17.66 16.26 18.59
N VAL A 227 -18.10 17.06 17.61
CA VAL A 227 -18.22 16.56 16.25
C VAL A 227 -16.88 16.07 15.73
N PHE A 228 -15.80 16.77 16.08
CA PHE A 228 -14.48 16.34 15.63
C PHE A 228 -14.03 15.07 16.33
N VAL A 229 -14.39 14.92 17.62
CA VAL A 229 -14.07 13.70 18.34
C VAL A 229 -14.76 12.50 17.70
N ALA A 230 -16.03 12.66 17.30
CA ALA A 230 -16.76 11.57 16.66
C ALA A 230 -16.11 11.18 15.34
N GLU A 231 -15.70 12.16 14.54
CA GLU A 231 -15.03 11.86 13.29
C GLU A 231 -13.65 11.24 13.54
N GLN A 232 -12.89 11.82 14.47
CA GLN A 232 -11.59 11.25 14.83
C GLN A 232 -11.73 9.80 15.26
N ALA A 233 -12.72 9.50 16.10
CA ALA A 233 -12.93 8.13 16.55
C ALA A 233 -13.38 7.23 15.39
N LYS A 234 -14.22 7.77 14.51
CA LYS A 234 -14.70 6.98 13.36
C LYS A 234 -13.54 6.63 12.43
N ARG A 235 -12.67 7.60 12.14
CA ARG A 235 -11.59 7.35 11.20
C ARG A 235 -10.59 6.32 11.74
N ALA A 236 -10.26 6.42 13.04
CA ALA A 236 -9.29 5.49 13.62
C ALA A 236 -9.80 4.06 13.60
N LEU A 237 -11.11 3.85 13.72
CA LEU A 237 -11.66 2.51 13.73
C LEU A 237 -11.68 1.89 12.33
N GLU A 238 -11.99 2.68 11.30
CA GLU A 238 -12.03 2.14 9.95
C GLU A 238 -10.66 2.03 9.32
N LEU A 239 -9.72 2.91 9.70
CA LEU A 239 -8.38 2.86 9.14
C LEU A 239 -7.38 3.53 10.07
N PRO A 240 -6.55 2.76 10.76
CA PRO A 240 -5.52 3.36 11.62
C PRO A 240 -4.32 3.86 10.82
N LEU A 241 -3.54 4.72 11.46
CA LEU A 241 -2.42 5.37 10.78
C LEU A 241 -1.43 4.36 10.22
N HIS A 242 -1.18 3.28 10.95
CA HIS A 242 -0.22 2.27 10.52
C HIS A 242 -0.67 1.56 9.25
N TRP A 243 -1.96 1.65 8.90
CA TRP A 243 -2.52 0.90 7.78
C TRP A 243 -2.84 1.76 6.57
N LYS A 244 -2.50 3.05 6.60
CA LYS A 244 -2.78 3.94 5.47
C LYS A 244 -1.48 4.50 4.91
N ALA A 245 -1.41 4.58 3.59
CA ALA A 245 -0.27 5.17 2.90
C ALA A 245 -0.18 6.67 3.23
N PRO A 246 1.00 7.28 3.06
CA PRO A 246 1.15 8.67 3.52
C PRO A 246 0.25 9.68 2.80
N MET A 247 0.26 9.69 1.46
CA MET A 247 -0.41 10.76 0.73
C MET A 247 -1.94 10.63 0.73
N LEU A 248 -2.48 9.46 1.05
CA LEU A 248 -3.92 9.26 0.97
C LEU A 248 -4.65 10.13 1.99
N GLU A 249 -4.11 10.23 3.21
CA GLU A 249 -4.71 11.03 4.26
C GLU A 249 -4.34 12.51 4.16
N ALA A 250 -3.46 12.87 3.22
CA ALA A 250 -2.86 14.20 3.22
C ALA A 250 -3.92 15.30 3.10
N ARG A 251 -4.86 15.17 2.16
CA ARG A 251 -5.82 16.24 1.94
C ARG A 251 -6.72 16.43 3.16
N TRP A 252 -7.20 15.33 3.75
CA TRP A 252 -8.04 15.45 4.94
C TRP A 252 -7.30 16.12 6.07
N PHE A 253 -6.04 15.73 6.28
CA PHE A 253 -5.28 16.27 7.41
C PHE A 253 -4.86 17.72 7.17
N ILE A 254 -4.69 18.10 5.90
CA ILE A 254 -4.30 19.48 5.59
C ILE A 254 -5.37 20.44 6.10
N HIS A 255 -6.62 20.05 5.98
CA HIS A 255 -7.67 20.97 6.47
C HIS A 255 -7.62 20.99 7.99
N VAL A 256 -7.50 19.83 8.58
CA VAL A 256 -7.46 19.81 10.04
C VAL A 256 -6.34 20.70 10.55
N TYR A 257 -5.20 20.73 9.84
CA TYR A 257 -4.06 21.50 10.30
C TYR A 257 -4.30 23.00 10.17
N GLU A 258 -5.03 23.43 9.13
CA GLU A 258 -5.30 24.86 8.99
C GLU A 258 -6.33 25.33 10.01
N LYS A 259 -7.19 24.42 10.48
CA LYS A 259 -8.11 24.78 11.55
C LYS A 259 -7.40 24.89 12.89
N ARG A 260 -6.19 24.35 13.00
CA ARG A 260 -5.44 24.41 14.25
C ARG A 260 -4.93 25.83 14.49
N GLU A 261 -5.04 26.27 15.74
CA GLU A 261 -4.67 27.64 16.09
C GLU A 261 -3.16 27.80 16.12
N ASP A 262 -2.46 26.81 16.66
CA ASP A 262 -1.01 26.82 16.79
C ASP A 262 -0.30 26.33 15.52
N LYS A 263 -1.00 26.31 14.39
CA LYS A 263 -0.41 25.85 13.15
C LYS A 263 0.80 26.71 12.79
N ASN A 264 1.81 26.07 12.21
CA ASN A 264 2.83 26.81 11.47
C ASN A 264 2.28 27.16 10.10
N HIS A 265 2.23 28.46 9.80
CA HIS A 265 1.61 28.91 8.57
C HIS A 265 2.46 28.55 7.35
N LEU A 266 3.77 28.54 7.49
CA LEU A 266 4.62 28.15 6.36
C LEU A 266 4.57 26.65 6.13
N LEU A 267 4.47 25.87 7.20
CA LEU A 267 4.33 24.42 7.06
C LEU A 267 3.06 24.07 6.29
N LEU A 268 1.96 24.75 6.60
CA LEU A 268 0.71 24.47 5.90
C LEU A 268 0.80 24.87 4.43
N GLU A 269 1.38 26.04 4.15
CA GLU A 269 1.49 26.50 2.77
C GLU A 269 2.31 25.52 1.93
N LEU A 270 3.34 24.93 2.54
CA LEU A 270 4.14 23.94 1.84
C LEU A 270 3.34 22.66 1.60
N ALA A 271 2.53 22.24 2.56
CA ALA A 271 1.74 21.02 2.41
C ALA A 271 0.77 21.15 1.25
N LYS A 272 0.09 22.29 1.14
CA LYS A 272 -0.83 22.50 0.03
C LYS A 272 -0.09 22.58 -1.29
N LEU A 273 1.12 23.16 -1.29
CA LEU A 273 1.86 23.36 -2.53
C LEU A 273 2.39 22.05 -3.07
N GLU A 274 2.97 21.22 -2.21
CA GLU A 274 3.51 19.93 -2.65
C GLU A 274 2.42 18.97 -3.08
N PHE A 275 1.27 19.00 -2.38
CA PHE A 275 0.13 18.18 -2.78
C PHE A 275 -0.33 18.54 -4.19
N ASN A 276 -0.43 19.83 -4.51
CA ASN A 276 -0.87 20.24 -5.84
C ASN A 276 0.19 19.93 -6.89
N THR A 277 1.47 20.05 -6.53
CA THR A 277 2.52 19.76 -7.50
C THR A 277 2.58 18.27 -7.83
N LEU A 278 2.30 17.41 -6.83
CA LEU A 278 2.29 15.97 -7.08
C LEU A 278 1.19 15.59 -8.06
N GLN A 279 0.00 16.18 -7.92
CA GLN A 279 -1.08 15.92 -8.87
C GLN A 279 -0.64 16.25 -10.30
N ALA A 280 0.01 17.40 -10.48
CA ALA A 280 0.49 17.77 -11.80
C ALA A 280 1.48 16.74 -12.34
N ILE A 281 2.38 16.25 -11.48
CA ILE A 281 3.34 15.23 -11.90
C ILE A 281 2.61 13.95 -12.29
N TYR A 282 1.65 13.52 -11.47
CA TYR A 282 0.90 12.30 -11.77
C TYR A 282 0.11 12.45 -13.07
N GLN A 283 -0.51 13.62 -13.27
CA GLN A 283 -1.30 13.84 -14.49
C GLN A 283 -0.44 13.71 -15.73
N GLU A 284 0.79 14.23 -15.68
CA GLU A 284 1.70 14.10 -16.82
C GLU A 284 2.05 12.64 -17.07
N GLU A 285 2.30 11.88 -16.00
CA GLU A 285 2.57 10.45 -16.16
C GLU A 285 1.36 9.73 -16.75
N LEU A 286 0.15 10.10 -16.32
CA LEU A 286 -1.05 9.43 -16.82
C LEU A 286 -1.22 9.63 -18.31
N LYS A 287 -0.97 10.85 -18.81
CA LYS A 287 -1.00 11.08 -20.25
C LYS A 287 -0.11 10.09 -20.98
N ASP A 288 1.13 9.93 -20.49
CA ASP A 288 2.07 9.02 -21.12
C ASP A 288 1.56 7.59 -21.07
N ILE A 289 1.13 7.14 -19.90
CA ILE A 289 0.61 5.79 -19.73
C ILE A 289 -0.71 5.63 -20.50
N SER A 290 -1.51 6.70 -20.60
CA SER A 290 -2.78 6.60 -21.32
C SER A 290 -2.54 6.32 -22.81
N GLY A 291 -1.59 7.02 -23.41
CA GLY A 291 -1.28 6.78 -24.81
C GLY A 291 -0.77 5.39 -25.07
N TRP A 292 0.07 4.86 -24.17
CA TRP A 292 0.56 3.50 -24.33
C TRP A 292 -0.59 2.49 -24.32
N TRP A 293 -1.54 2.67 -23.39
CA TRP A 293 -2.67 1.76 -23.31
C TRP A 293 -3.53 1.82 -24.57
N LYS A 294 -3.73 3.02 -25.10
CA LYS A 294 -4.50 3.18 -26.33
C LYS A 294 -3.82 2.47 -27.50
N ASP A 295 -2.49 2.49 -27.53
CA ASP A 295 -1.76 1.94 -28.67
C ASP A 295 -1.90 0.41 -28.73
N THR A 296 -1.91 -0.25 -27.57
CA THR A 296 -2.09 -1.71 -27.56
C THR A 296 -3.46 -2.09 -28.09
N GLY A 297 -4.48 -1.28 -27.84
CA GLY A 297 -5.80 -1.54 -28.36
C GLY A 297 -6.49 -2.74 -27.78
N LEU A 298 -6.11 -3.19 -26.59
CA LEU A 298 -6.80 -4.31 -25.96
C LEU A 298 -8.25 -3.96 -25.63
N GLY A 299 -8.48 -2.72 -25.17
CA GLY A 299 -9.84 -2.29 -24.87
C GLY A 299 -10.76 -2.38 -26.08
N GLU A 300 -10.23 -2.17 -27.28
CA GLU A 300 -11.04 -2.31 -28.48
C GLU A 300 -11.22 -3.76 -28.87
N LYS A 301 -10.16 -4.57 -28.71
CA LYS A 301 -10.24 -5.98 -29.09
C LYS A 301 -11.16 -6.76 -28.17
N LEU A 302 -11.05 -6.54 -26.86
CA LEU A 302 -11.77 -7.31 -25.86
C LEU A 302 -12.84 -6.42 -25.23
N SER A 303 -14.11 -6.81 -25.41
CA SER A 303 -15.21 -5.99 -24.90
C SER A 303 -15.20 -5.91 -23.38
N PHE A 304 -14.62 -6.91 -22.71
CA PHE A 304 -14.54 -6.91 -21.26
C PHE A 304 -13.30 -6.18 -20.75
N ALA A 305 -12.43 -5.73 -21.64
CA ALA A 305 -11.23 -4.98 -21.25
C ALA A 305 -11.58 -3.50 -21.07
N ARG A 306 -12.46 -3.24 -20.11
CA ARG A 306 -12.83 -1.87 -19.79
C ARG A 306 -11.60 -1.09 -19.34
N ASN A 307 -11.56 0.19 -19.68
CA ASN A 307 -10.45 1.04 -19.27
C ASN A 307 -10.41 1.12 -17.75
N ARG A 308 -9.39 0.51 -17.15
CA ARG A 308 -9.14 0.57 -15.71
C ARG A 308 -7.85 1.31 -15.40
N LEU A 309 -7.39 2.16 -16.32
CA LEU A 309 -6.06 2.75 -16.21
C LEU A 309 -5.93 3.64 -14.98
N VAL A 310 -6.92 4.52 -14.77
CA VAL A 310 -6.86 5.45 -13.65
C VAL A 310 -6.91 4.71 -12.33
N ALA A 311 -7.72 3.65 -12.26
CA ALA A 311 -7.78 2.84 -11.05
C ALA A 311 -6.45 2.14 -10.78
N SER A 312 -5.80 1.63 -11.83
CA SER A 312 -4.52 0.94 -11.64
C SER A 312 -3.44 1.92 -11.19
N PHE A 313 -3.42 3.12 -11.77
CA PHE A 313 -2.44 4.12 -11.37
C PHE A 313 -2.61 4.50 -9.91
N LEU A 314 -3.86 4.56 -9.45
CA LEU A 314 -4.12 4.84 -8.04
C LEU A 314 -3.38 3.86 -7.14
N TRP A 315 -3.40 2.58 -7.51
CA TRP A 315 -2.70 1.56 -6.74
C TRP A 315 -1.19 1.80 -6.76
N SER A 316 -0.61 1.92 -7.95
CA SER A 316 0.82 2.17 -8.09
C SER A 316 1.23 3.44 -7.37
N MET A 317 0.37 4.45 -7.36
CA MET A 317 0.69 5.71 -6.69
C MET A 317 0.73 5.51 -5.18
N GLY A 318 -0.17 4.70 -4.64
CA GLY A 318 -0.11 4.37 -3.23
C GLY A 318 1.07 3.48 -2.88
N ILE A 319 1.50 2.64 -3.82
CA ILE A 319 2.67 1.80 -3.60
C ILE A 319 3.93 2.65 -3.54
N ALA A 320 4.09 3.56 -4.49
CA ALA A 320 5.28 4.42 -4.56
C ALA A 320 4.83 5.79 -5.07
N PHE A 321 4.74 6.75 -4.16
CA PHE A 321 4.20 8.07 -4.49
C PHE A 321 5.27 9.08 -4.85
N GLU A 322 6.50 8.87 -4.39
CA GLU A 322 7.57 9.89 -4.57
C GLU A 322 7.84 10.18 -6.04
N PRO A 323 8.19 11.42 -6.42
CA PRO A 323 8.38 11.80 -7.83
C PRO A 323 9.49 11.02 -8.51
N GLN A 324 10.46 10.54 -7.76
CA GLN A 324 11.59 9.79 -8.37
C GLN A 324 11.15 8.40 -8.82
N PHE A 325 10.00 7.95 -8.37
CA PHE A 325 9.49 6.63 -8.72
C PHE A 325 8.57 6.65 -9.94
N ALA A 326 8.78 7.58 -10.87
CA ALA A 326 7.89 7.70 -12.02
C ALA A 326 7.92 6.43 -12.87
N TYR A 327 9.10 5.86 -13.08
CA TYR A 327 9.19 4.63 -13.86
C TYR A 327 8.56 3.46 -13.12
N CYS A 328 8.70 3.43 -11.78
CA CYS A 328 8.05 2.39 -11.00
C CYS A 328 6.53 2.46 -11.14
N ARG A 329 5.97 3.67 -11.04
CA ARG A 329 4.53 3.81 -11.20
C ARG A 329 4.08 3.44 -12.61
N ARG A 330 4.93 3.69 -13.61
CA ARG A 330 4.56 3.36 -14.98
C ARG A 330 4.47 1.85 -15.17
N VAL A 331 5.51 1.12 -14.74
CA VAL A 331 5.51 -0.33 -14.89
C VAL A 331 4.39 -0.96 -14.05
N LEU A 332 4.17 -0.42 -12.84
CA LEU A 332 3.14 -0.96 -11.96
C LEU A 332 1.74 -0.74 -12.56
N THR A 333 1.47 0.47 -13.05
CA THR A 333 0.17 0.78 -13.63
C THR A 333 -0.14 -0.15 -14.79
N ILE A 334 0.81 -0.30 -15.72
CA ILE A 334 0.59 -1.16 -16.88
C ILE A 334 0.46 -2.61 -16.46
N SER A 335 1.28 -3.05 -15.50
CA SER A 335 1.20 -4.41 -15.01
C SER A 335 -0.15 -4.71 -14.41
N ILE A 336 -0.67 -3.79 -13.59
CA ILE A 336 -1.98 -3.99 -12.96
C ILE A 336 -3.08 -3.98 -14.00
N ALA A 337 -2.96 -3.14 -15.02
CA ALA A 337 -3.94 -3.13 -16.11
C ALA A 337 -3.95 -4.46 -16.85
N LEU A 338 -2.77 -5.03 -17.09
CA LEU A 338 -2.69 -6.34 -17.74
C LEU A 338 -3.19 -7.44 -16.81
N ILE A 339 -2.81 -7.38 -15.53
CA ILE A 339 -3.30 -8.33 -14.54
C ILE A 339 -4.82 -8.36 -14.52
N THR A 340 -5.45 -7.17 -14.57
CA THR A 340 -6.90 -7.08 -14.53
C THR A 340 -7.54 -7.81 -15.71
N VAL A 341 -6.98 -7.65 -16.91
CA VAL A 341 -7.53 -8.33 -18.09
C VAL A 341 -7.31 -9.84 -17.98
N ILE A 342 -6.10 -10.26 -17.59
CA ILE A 342 -5.80 -11.68 -17.50
C ILE A 342 -6.64 -12.35 -16.42
N ASP A 343 -6.83 -11.67 -15.29
CA ASP A 343 -7.67 -12.23 -14.22
C ASP A 343 -9.10 -12.46 -14.70
N ASP A 344 -9.63 -11.53 -15.51
CA ASP A 344 -10.97 -11.71 -16.06
C ASP A 344 -11.01 -12.88 -17.04
N ILE A 345 -9.90 -13.17 -17.71
CA ILE A 345 -9.86 -14.30 -18.62
C ILE A 345 -9.91 -15.61 -17.84
N TYR A 346 -9.30 -15.64 -16.66
CA TYR A 346 -9.21 -16.90 -15.93
C TYR A 346 -10.47 -17.20 -15.14
N ASP A 347 -10.92 -16.27 -14.30
CA ASP A 347 -12.07 -16.52 -13.43
C ASP A 347 -13.39 -16.06 -14.04
N VAL A 348 -13.45 -15.81 -15.35
CA VAL A 348 -14.73 -15.53 -16.01
C VAL A 348 -14.80 -16.20 -17.38
N TYR A 349 -14.00 -15.69 -18.33
CA TYR A 349 -14.26 -15.92 -19.75
C TYR A 349 -13.60 -17.16 -20.32
N GLY A 350 -12.42 -17.54 -19.85
CA GLY A 350 -11.68 -18.62 -20.49
C GLY A 350 -12.19 -19.99 -20.10
N THR A 351 -12.21 -20.90 -21.07
CA THR A 351 -12.45 -22.30 -20.78
C THR A 351 -11.19 -22.94 -20.20
N LEU A 352 -11.35 -24.08 -19.55
CA LEU A 352 -10.23 -24.73 -18.84
C LEU A 352 -9.12 -25.11 -19.81
N ASP A 353 -9.46 -25.62 -20.98
CA ASP A 353 -8.42 -25.99 -21.93
C ASP A 353 -7.68 -24.76 -22.44
N GLU A 354 -8.40 -23.66 -22.69
CA GLU A 354 -7.73 -22.44 -23.11
C GLU A 354 -6.78 -21.93 -22.03
N LEU A 355 -7.20 -22.02 -20.77
CA LEU A 355 -6.36 -21.51 -19.69
C LEU A 355 -5.10 -22.35 -19.50
N GLU A 356 -5.16 -23.64 -19.85
CA GLU A 356 -3.97 -24.47 -19.77
C GLU A 356 -2.97 -24.07 -20.84
N ILE A 357 -3.43 -23.69 -22.02
CA ILE A 357 -2.53 -23.26 -23.08
C ILE A 357 -1.88 -21.93 -22.72
N PHE A 358 -2.67 -20.99 -22.20
CA PHE A 358 -2.12 -19.68 -21.83
C PHE A 358 -1.10 -19.82 -20.72
N THR A 359 -1.38 -20.68 -19.73
CA THR A 359 -0.41 -20.93 -18.66
C THR A 359 0.87 -21.53 -19.23
N ASP A 360 0.74 -22.49 -20.15
CA ASP A 360 1.91 -23.09 -20.77
C ASP A 360 2.69 -22.08 -21.60
N ALA A 361 1.97 -21.24 -22.35
CA ALA A 361 2.63 -20.23 -23.17
C ALA A 361 3.43 -19.27 -22.31
N VAL A 362 2.89 -18.88 -21.16
CA VAL A 362 3.63 -18.02 -20.23
C VAL A 362 4.84 -18.77 -19.68
N ALA A 363 4.69 -20.05 -19.36
CA ALA A 363 5.80 -20.81 -18.81
C ALA A 363 6.93 -20.95 -19.83
N ARG A 364 6.58 -21.24 -21.08
CA ARG A 364 7.61 -21.34 -22.12
C ARG A 364 8.27 -20.00 -22.39
N TRP A 365 7.49 -18.91 -22.32
CA TRP A 365 7.95 -17.59 -22.71
C TRP A 365 8.49 -17.61 -24.14
N ASP A 366 7.70 -18.20 -25.04
CA ASP A 366 8.04 -18.36 -26.45
C ASP A 366 6.93 -17.72 -27.28
N ILE A 367 7.27 -16.64 -28.00
CA ILE A 367 6.26 -15.93 -28.78
C ILE A 367 5.78 -16.78 -29.95
N ASN A 368 6.70 -17.51 -30.58
CA ASN A 368 6.32 -18.34 -31.72
C ASN A 368 5.33 -19.42 -31.32
N TYR A 369 5.58 -20.07 -30.18
CA TYR A 369 4.65 -21.08 -29.68
C TYR A 369 3.29 -20.47 -29.39
N ALA A 370 3.27 -19.31 -28.71
CA ALA A 370 2.01 -18.67 -28.33
C ALA A 370 1.15 -18.38 -29.56
N LEU A 371 1.74 -17.74 -30.57
CA LEU A 371 0.98 -17.43 -31.78
C LEU A 371 0.55 -18.72 -32.49
N LYS A 372 1.27 -19.81 -32.28
CA LYS A 372 0.96 -21.05 -32.97
C LYS A 372 -0.25 -21.75 -32.34
N HIS A 373 -0.39 -21.66 -31.00
CA HIS A 373 -1.37 -22.47 -30.29
C HIS A 373 -2.45 -21.70 -29.54
N LEU A 374 -2.29 -20.40 -29.32
CA LEU A 374 -3.26 -19.70 -28.50
C LEU A 374 -4.56 -19.44 -29.28
N PRO A 375 -5.68 -19.36 -28.59
CA PRO A 375 -6.91 -18.86 -29.23
C PRO A 375 -6.72 -17.41 -29.65
N GLY A 376 -7.56 -16.99 -30.60
CA GLY A 376 -7.42 -15.65 -31.15
C GLY A 376 -7.51 -14.55 -30.10
N TYR A 377 -8.51 -14.63 -29.22
CA TYR A 377 -8.72 -13.56 -28.26
C TYR A 377 -7.61 -13.49 -27.22
N MET A 378 -6.92 -14.61 -26.99
CA MET A 378 -5.80 -14.64 -26.06
C MET A 378 -4.50 -14.13 -26.67
N LYS A 379 -4.41 -14.09 -27.99
CA LYS A 379 -3.14 -13.82 -28.66
C LYS A 379 -2.64 -12.40 -28.36
N MET A 380 -3.46 -11.40 -28.66
CA MET A 380 -3.06 -10.02 -28.41
C MET A 380 -2.81 -9.77 -26.92
N CYS A 381 -3.60 -10.41 -26.05
CA CYS A 381 -3.40 -10.27 -24.62
C CYS A 381 -2.06 -10.86 -24.19
N PHE A 382 -1.68 -12.02 -24.75
CA PHE A 382 -0.39 -12.59 -24.42
C PHE A 382 0.74 -11.73 -24.98
N LEU A 383 0.63 -11.34 -26.25
CA LEU A 383 1.72 -10.62 -26.91
C LEU A 383 1.95 -9.26 -26.26
N ALA A 384 0.88 -8.58 -25.86
CA ALA A 384 1.01 -7.31 -25.16
C ALA A 384 1.79 -7.48 -23.87
N LEU A 385 1.43 -8.49 -23.07
CA LEU A 385 2.18 -8.81 -21.86
C LEU A 385 3.61 -9.21 -22.21
N TYR A 386 3.78 -10.01 -23.27
CA TYR A 386 5.10 -10.51 -23.63
C TYR A 386 6.04 -9.38 -24.00
N ASN A 387 5.60 -8.50 -24.91
CA ASN A 387 6.44 -7.38 -25.32
C ASN A 387 6.68 -6.41 -24.17
N PHE A 388 5.64 -6.14 -23.36
CA PHE A 388 5.76 -5.20 -22.25
C PHE A 388 6.84 -5.65 -21.27
N VAL A 389 6.85 -6.94 -20.92
CA VAL A 389 7.84 -7.44 -19.97
C VAL A 389 9.23 -7.43 -20.60
N ASN A 390 9.33 -7.76 -21.89
CA ASN A 390 10.62 -7.76 -22.55
C ASN A 390 11.17 -6.34 -22.70
N GLU A 391 10.30 -5.37 -22.94
CA GLU A 391 10.71 -3.97 -22.89
C GLU A 391 11.13 -3.59 -21.49
N PHE A 392 10.42 -4.08 -20.47
CA PHE A 392 10.80 -3.86 -19.09
C PHE A 392 12.20 -4.40 -18.82
N ALA A 393 12.48 -5.62 -19.27
CA ALA A 393 13.81 -6.18 -19.11
C ALA A 393 14.84 -5.37 -19.86
N TYR A 394 14.48 -4.87 -21.04
CA TYR A 394 15.40 -4.06 -21.83
C TYR A 394 15.75 -2.75 -21.11
N TYR A 395 14.74 -2.11 -20.52
CA TYR A 395 14.95 -0.83 -19.86
C TYR A 395 15.93 -0.94 -18.70
N VAL A 396 15.77 -1.99 -17.87
CA VAL A 396 16.69 -2.18 -16.74
C VAL A 396 18.07 -2.57 -17.24
N LEU A 397 18.14 -3.36 -18.31
CA LEU A 397 19.43 -3.74 -18.88
C LEU A 397 20.19 -2.52 -19.39
N LYS A 398 19.50 -1.63 -20.11
CA LYS A 398 20.12 -0.40 -20.58
C LYS A 398 20.54 0.49 -19.42
N GLN A 399 19.72 0.57 -18.37
CA GLN A 399 19.93 1.57 -17.34
C GLN A 399 21.10 1.20 -16.43
N GLN A 400 21.11 -0.04 -15.92
CA GLN A 400 22.09 -0.46 -14.92
C GLN A 400 22.74 -1.81 -15.23
N ASP A 401 22.65 -2.28 -16.48
CA ASP A 401 23.35 -3.49 -16.92
C ASP A 401 23.03 -4.68 -16.02
N PHE A 402 21.76 -4.81 -15.64
CA PHE A 402 21.28 -5.94 -14.86
C PHE A 402 20.29 -6.75 -15.69
N ASP A 403 20.47 -8.07 -15.70
CA ASP A 403 19.55 -9.00 -16.35
C ASP A 403 18.58 -9.54 -15.30
N MET A 404 17.31 -9.19 -15.44
CA MET A 404 16.27 -9.66 -14.54
C MET A 404 15.13 -10.36 -15.27
N LEU A 405 15.33 -10.76 -16.52
CA LEU A 405 14.23 -11.33 -17.29
C LEU A 405 13.76 -12.65 -16.67
N LEU A 406 14.70 -13.49 -16.26
CA LEU A 406 14.33 -14.75 -15.61
C LEU A 406 13.50 -14.50 -14.36
N SER A 407 13.85 -13.48 -13.59
CA SER A 407 13.12 -13.19 -12.35
C SER A 407 11.71 -12.69 -12.65
N ILE A 408 11.59 -11.72 -13.56
CA ILE A 408 10.31 -11.04 -13.75
C ILE A 408 9.29 -11.99 -14.40
N LYS A 409 9.73 -12.80 -15.35
CA LYS A 409 8.80 -13.74 -15.98
C LYS A 409 8.48 -14.91 -15.05
N HIS A 410 9.40 -15.22 -14.13
CA HIS A 410 9.12 -16.22 -13.11
C HIS A 410 7.97 -15.76 -12.22
N ALA A 411 8.02 -14.50 -11.78
CA ALA A 411 6.97 -13.98 -10.92
C ALA A 411 5.63 -13.93 -11.65
N TRP A 412 5.65 -13.57 -12.93
CA TRP A 412 4.41 -13.57 -13.72
C TRP A 412 3.85 -14.99 -13.85
N LEU A 413 4.74 -15.98 -13.99
CA LEU A 413 4.26 -17.36 -14.10
C LEU A 413 3.63 -17.82 -12.79
N GLY A 414 4.22 -17.42 -11.67
CA GLY A 414 3.64 -17.80 -10.38
C GLY A 414 2.21 -17.30 -10.22
N LEU A 415 1.98 -16.04 -10.63
CA LEU A 415 0.62 -15.50 -10.59
C LEU A 415 -0.31 -16.29 -11.51
N ILE A 416 0.15 -16.55 -12.73
CA ILE A 416 -0.68 -17.25 -13.71
C ILE A 416 -1.01 -18.66 -13.23
N GLN A 417 -0.01 -19.35 -12.66
CA GLN A 417 -0.25 -20.71 -12.17
C GLN A 417 -1.25 -20.71 -11.03
N ALA A 418 -1.19 -19.70 -10.15
CA ALA A 418 -2.16 -19.61 -9.07
C ALA A 418 -3.56 -19.36 -9.60
N TYR A 419 -3.67 -18.62 -10.71
CA TYR A 419 -4.97 -18.44 -11.37
C TYR A 419 -5.52 -19.77 -11.85
N LEU A 420 -4.67 -20.61 -12.44
CA LEU A 420 -5.13 -21.90 -12.95
C LEU A 420 -5.60 -22.81 -11.83
N VAL A 421 -4.89 -22.79 -10.69
CA VAL A 421 -5.32 -23.56 -9.52
C VAL A 421 -6.73 -23.16 -9.11
N GLU A 422 -7.00 -21.85 -9.05
CA GLU A 422 -8.33 -21.38 -8.69
C GLU A 422 -9.37 -21.79 -9.72
N ALA A 423 -8.99 -21.79 -11.00
CA ALA A 423 -9.94 -22.18 -12.03
C ALA A 423 -10.24 -23.67 -11.97
N LYS A 424 -9.25 -24.49 -11.65
CA LYS A 424 -9.48 -25.93 -11.54
C LYS A 424 -10.37 -26.25 -10.34
N TRP A 425 -10.16 -25.55 -9.22
CA TRP A 425 -11.03 -25.72 -8.06
C TRP A 425 -12.47 -25.38 -8.41
N TYR A 426 -12.68 -24.27 -9.13
CA TYR A 426 -14.03 -23.84 -9.45
C TYR A 426 -14.76 -24.87 -10.30
N HIS A 427 -14.08 -25.44 -11.30
CA HIS A 427 -14.73 -26.40 -12.19
C HIS A 427 -14.94 -27.75 -11.53
N SER A 428 -14.15 -28.09 -10.53
CA SER A 428 -14.37 -29.31 -9.76
C SER A 428 -15.38 -29.11 -8.63
N LYS A 429 -15.86 -27.87 -8.44
CA LYS A 429 -16.79 -27.54 -7.35
C LYS A 429 -16.22 -27.95 -6.00
N TYR A 430 -14.92 -27.70 -5.84
CA TYR A 430 -14.19 -28.06 -4.62
C TYR A 430 -14.05 -26.81 -3.75
N THR A 431 -14.61 -26.87 -2.55
CA THR A 431 -14.45 -25.81 -1.57
C THR A 431 -13.22 -26.12 -0.73
N PRO A 432 -12.11 -25.40 -0.89
CA PRO A 432 -10.93 -25.68 -0.09
C PRO A 432 -11.06 -25.18 1.33
N LYS A 433 -10.24 -25.76 2.22
CA LYS A 433 -10.08 -25.19 3.54
C LYS A 433 -9.40 -23.83 3.43
N LEU A 434 -9.68 -22.96 4.40
CA LEU A 434 -9.20 -21.58 4.33
C LEU A 434 -7.69 -21.52 4.19
N GLU A 435 -6.98 -22.40 4.89
CA GLU A 435 -5.52 -22.37 4.85
C GLU A 435 -5.00 -22.84 3.50
N GLU A 436 -5.63 -23.86 2.92
CA GLU A 436 -5.25 -24.29 1.58
C GLU A 436 -5.57 -23.21 0.56
N TYR A 437 -6.70 -22.52 0.74
CA TYR A 437 -7.05 -21.42 -0.16
C TYR A 437 -6.06 -20.27 -0.02
N LEU A 438 -5.73 -19.89 1.22
CA LEU A 438 -4.82 -18.77 1.44
C LEU A 438 -3.42 -19.05 0.90
N GLU A 439 -2.99 -20.31 0.93
CA GLU A 439 -1.69 -20.67 0.37
C GLU A 439 -1.62 -20.31 -1.12
N ASN A 440 -2.66 -20.67 -1.87
CA ASN A 440 -2.75 -20.26 -3.27
C ASN A 440 -3.21 -18.81 -3.39
N GLY A 441 -4.08 -18.38 -2.48
CA GLY A 441 -4.67 -17.05 -2.60
C GLY A 441 -3.67 -15.92 -2.40
N LEU A 442 -2.65 -16.15 -1.57
CA LEU A 442 -1.66 -15.10 -1.35
C LEU A 442 -0.83 -14.84 -2.59
N VAL A 443 -0.71 -15.81 -3.50
CA VAL A 443 0.00 -15.60 -4.75
C VAL A 443 -0.93 -15.00 -5.80
N SER A 444 -2.18 -15.47 -5.84
CA SER A 444 -3.15 -15.02 -6.83
C SER A 444 -3.60 -13.59 -6.61
N ILE A 445 -3.40 -13.02 -5.41
CA ILE A 445 -3.71 -11.62 -5.17
C ILE A 445 -2.64 -10.67 -5.69
N THR A 446 -1.55 -11.22 -6.27
CA THR A 446 -0.44 -10.54 -6.95
C THR A 446 0.59 -9.94 -5.99
N GLY A 447 0.43 -10.13 -4.69
CA GLY A 447 1.41 -9.68 -3.72
C GLY A 447 2.85 -10.05 -4.08
N PRO A 448 3.12 -11.34 -4.33
CA PRO A 448 4.48 -11.72 -4.74
C PRO A 448 4.93 -11.07 -6.03
N LEU A 449 4.03 -10.96 -7.02
CA LEU A 449 4.42 -10.35 -8.29
C LEU A 449 4.62 -8.85 -8.14
N ILE A 450 3.75 -8.18 -7.40
CA ILE A 450 3.79 -6.73 -7.32
C ILE A 450 5.05 -6.26 -6.62
N ILE A 451 5.45 -6.92 -5.54
CA ILE A 451 6.68 -6.53 -4.86
C ILE A 451 7.90 -6.78 -5.74
N THR A 452 7.85 -7.83 -6.57
CA THR A 452 8.95 -8.07 -7.50
C THR A 452 9.02 -6.96 -8.56
N ILE A 453 7.87 -6.57 -9.11
CA ILE A 453 7.81 -5.48 -10.08
C ILE A 453 8.31 -4.18 -9.44
N SER A 454 7.86 -3.90 -8.22
CA SER A 454 8.24 -2.66 -7.55
C SER A 454 9.75 -2.61 -7.30
N TYR A 455 10.35 -3.75 -6.95
CA TYR A 455 11.78 -3.77 -6.68
C TYR A 455 12.59 -3.56 -7.95
N LEU A 456 12.22 -4.26 -9.03
CA LEU A 456 13.01 -4.16 -10.26
C LEU A 456 12.84 -2.82 -10.95
N SER A 457 11.65 -2.21 -10.84
CA SER A 457 11.37 -0.94 -11.49
C SER A 457 11.62 0.26 -10.60
N GLY A 458 11.82 0.05 -9.29
CA GLY A 458 11.99 1.16 -8.38
C GLY A 458 13.30 1.19 -7.61
N THR A 459 14.25 0.32 -7.97
CA THR A 459 15.54 0.25 -7.28
C THR A 459 16.66 0.36 -8.30
N ASN A 460 17.67 1.15 -7.95
CA ASN A 460 18.87 1.34 -8.76
C ASN A 460 20.01 1.75 -7.83
N PRO A 461 21.01 0.89 -7.62
CA PRO A 461 21.24 -0.40 -8.28
C PRO A 461 20.47 -1.59 -7.70
N ILE A 462 20.08 -2.53 -8.56
CA ILE A 462 19.49 -3.78 -8.11
C ILE A 462 20.55 -4.64 -7.45
N ILE A 463 20.25 -5.16 -6.26
CA ILE A 463 21.17 -5.99 -5.50
C ILE A 463 20.77 -7.45 -5.72
N LYS A 464 21.74 -8.27 -6.14
CA LYS A 464 21.44 -9.67 -6.44
C LYS A 464 21.01 -10.43 -5.19
N LYS A 465 21.64 -10.14 -4.05
CA LYS A 465 21.25 -10.77 -2.79
C LYS A 465 19.80 -10.41 -2.44
N GLU A 466 19.44 -9.13 -2.58
CA GLU A 466 18.12 -8.69 -2.19
C GLU A 466 17.03 -9.31 -3.06
N LEU A 467 17.30 -9.41 -4.37
CA LEU A 467 16.33 -10.03 -5.27
C LEU A 467 16.14 -11.50 -4.97
N GLU A 468 17.23 -12.22 -4.74
CA GLU A 468 17.14 -13.65 -4.44
C GLU A 468 16.32 -13.89 -3.17
N PHE A 469 16.43 -12.98 -2.20
CA PHE A 469 15.63 -13.11 -0.98
C PHE A 469 14.15 -13.04 -1.29
N LEU A 470 13.75 -12.14 -2.20
CA LEU A 470 12.35 -12.06 -2.62
C LEU A 470 11.93 -13.33 -3.33
N GLU A 471 12.81 -13.88 -4.18
CA GLU A 471 12.48 -15.10 -4.92
C GLU A 471 12.39 -16.31 -4.00
N SER A 472 12.93 -16.24 -2.78
CA SER A 472 12.93 -17.35 -1.84
C SER A 472 11.61 -17.46 -1.07
N ASN A 473 10.57 -16.75 -1.49
CA ASN A 473 9.30 -16.69 -0.79
C ASN A 473 9.49 -16.34 0.69
N PRO A 474 9.98 -15.14 0.99
CA PRO A 474 10.25 -14.79 2.39
C PRO A 474 8.96 -14.62 3.20
N ASP A 475 9.13 -14.59 4.52
CA ASP A 475 7.98 -14.57 5.40
C ASP A 475 7.20 -13.27 5.30
N ILE A 476 7.90 -12.15 5.12
CA ILE A 476 7.22 -10.85 5.08
C ILE A 476 6.32 -10.77 3.86
N VAL A 477 6.75 -11.34 2.74
CA VAL A 477 5.89 -11.43 1.57
C VAL A 477 4.75 -12.41 1.83
N HIS A 478 5.04 -13.50 2.55
CA HIS A 478 4.03 -14.51 2.83
C HIS A 478 2.85 -13.91 3.60
N TRP A 479 3.14 -13.19 4.68
CA TRP A 479 2.07 -12.68 5.53
C TRP A 479 1.44 -11.40 4.99
N SER A 480 2.22 -10.57 4.30
CA SER A 480 1.64 -9.37 3.69
C SER A 480 0.64 -9.74 2.60
N SER A 481 0.98 -10.75 1.79
CA SER A 481 0.06 -11.20 0.75
C SER A 481 -1.20 -11.80 1.33
N LYS A 482 -1.09 -12.50 2.46
CA LYS A 482 -2.27 -13.07 3.12
C LYS A 482 -3.23 -11.97 3.57
N ILE A 483 -2.71 -10.90 4.15
CA ILE A 483 -3.55 -9.76 4.52
C ILE A 483 -4.21 -9.17 3.28
N PHE A 484 -3.41 -8.96 2.22
CA PHE A 484 -3.92 -8.48 0.94
C PHE A 484 -5.05 -9.36 0.44
N ARG A 485 -4.83 -10.68 0.41
CA ARG A 485 -5.86 -11.59 -0.06
C ARG A 485 -7.10 -11.55 0.82
N LEU A 486 -6.92 -11.59 2.15
CA LEU A 486 -8.07 -11.52 3.03
C LEU A 486 -8.83 -10.21 2.86
N GLN A 487 -8.12 -9.12 2.57
CA GLN A 487 -8.78 -7.83 2.48
C GLN A 487 -9.60 -7.70 1.21
N ASP A 488 -9.12 -8.26 0.10
CA ASP A 488 -9.89 -8.22 -1.13
C ASP A 488 -11.15 -9.07 -1.01
N ASP A 489 -11.05 -10.23 -0.35
CA ASP A 489 -12.20 -11.10 -0.21
C ASP A 489 -13.26 -10.50 0.70
N LEU A 490 -12.87 -9.59 1.59
CA LEU A 490 -13.88 -8.91 2.41
C LEU A 490 -14.74 -7.98 1.58
N GLY A 491 -14.19 -7.44 0.48
CA GLY A 491 -14.96 -6.57 -0.40
C GLY A 491 -15.97 -7.28 -1.27
N THR A 492 -15.94 -8.61 -1.32
CA THR A 492 -16.89 -9.38 -2.11
C THR A 492 -18.33 -9.18 -1.63
N VAL A 502 -16.50 -18.87 -7.93
CA VAL A 502 -15.41 -19.33 -7.08
C VAL A 502 -15.71 -19.02 -5.63
N PRO A 503 -15.20 -19.87 -4.71
CA PRO A 503 -15.35 -19.56 -3.28
C PRO A 503 -14.12 -18.87 -2.70
N LYS A 504 -14.35 -17.85 -1.89
CA LYS A 504 -13.28 -17.03 -1.35
C LYS A 504 -13.16 -17.24 0.16
N SER A 505 -12.41 -16.34 0.82
CA SER A 505 -12.08 -16.51 2.23
C SER A 505 -13.33 -16.64 3.09
N ILE A 506 -14.35 -15.80 2.83
CA ILE A 506 -15.53 -15.78 3.67
C ILE A 506 -16.30 -17.10 3.55
N GLN A 507 -16.49 -17.59 2.32
CA GLN A 507 -17.21 -18.84 2.14
C GLN A 507 -16.42 -20.02 2.71
N CYS A 508 -15.11 -20.03 2.49
CA CYS A 508 -14.27 -21.10 3.04
C CYS A 508 -14.37 -21.13 4.57
N TYR A 509 -14.30 -19.96 5.20
CA TYR A 509 -14.36 -19.91 6.66
C TYR A 509 -15.73 -20.29 7.19
N MET A 510 -16.80 -19.79 6.54
CA MET A 510 -18.15 -20.21 6.91
C MET A 510 -18.32 -21.71 6.78
N HIS A 511 -17.92 -22.27 5.63
CA HIS A 511 -18.02 -23.70 5.41
C HIS A 511 -17.25 -24.50 6.44
N GLU A 512 -16.16 -23.92 6.96
CA GLU A 512 -15.25 -24.68 7.80
C GLU A 512 -15.65 -24.63 9.27
N THR A 513 -16.21 -23.50 9.72
CA THR A 513 -16.58 -23.30 11.11
C THR A 513 -18.08 -23.29 11.36
N GLY A 514 -18.90 -23.20 10.31
CA GLY A 514 -20.32 -23.05 10.52
C GLY A 514 -20.75 -21.67 10.96
N ALA A 515 -19.83 -20.70 10.96
CA ALA A 515 -20.18 -19.36 11.40
C ALA A 515 -21.02 -18.64 10.33
N SER A 516 -21.77 -17.64 10.79
CA SER A 516 -22.53 -16.81 9.87
C SER A 516 -21.58 -15.87 9.14
N GLU A 517 -22.06 -15.35 8.00
CA GLU A 517 -21.26 -14.42 7.21
C GLU A 517 -20.84 -13.21 8.04
N GLU A 518 -21.76 -12.67 8.84
CA GLU A 518 -21.42 -11.53 9.68
C GLU A 518 -20.30 -11.86 10.65
N VAL A 519 -20.39 -13.02 11.30
CA VAL A 519 -19.33 -13.43 12.22
C VAL A 519 -18.06 -13.75 11.46
N ALA A 520 -18.18 -14.38 10.29
CA ALA A 520 -17.00 -14.73 9.51
C ALA A 520 -16.20 -13.49 9.11
N ARG A 521 -16.90 -12.41 8.75
CA ARG A 521 -16.22 -11.17 8.40
C ARG A 521 -15.44 -10.62 9.58
N GLU A 522 -16.03 -10.66 10.78
CA GLU A 522 -15.34 -10.15 11.96
C GLU A 522 -14.08 -10.95 12.27
N HIS A 523 -14.15 -12.27 12.12
CA HIS A 523 -12.98 -13.10 12.37
C HIS A 523 -11.89 -12.85 11.34
N ILE A 524 -12.28 -12.63 10.07
CA ILE A 524 -11.29 -12.36 9.03
C ILE A 524 -10.62 -11.02 9.25
N LYS A 525 -11.40 -10.01 9.69
CA LYS A 525 -10.80 -8.73 10.05
C LYS A 525 -9.78 -8.90 11.17
N ASP A 526 -10.07 -9.78 12.13
CA ASP A 526 -9.16 -9.99 13.24
C ASP A 526 -7.88 -10.69 12.78
N MET A 527 -8.01 -11.68 11.88
CA MET A 527 -6.83 -12.36 11.34
C MET A 527 -5.85 -11.36 10.75
N MET A 528 -6.35 -10.40 9.97
CA MET A 528 -5.49 -9.39 9.36
C MET A 528 -4.71 -8.63 10.43
N ARG A 529 -5.38 -8.26 11.51
CA ARG A 529 -4.71 -7.51 12.58
C ARG A 529 -3.67 -8.38 13.27
N GLN A 530 -3.97 -9.67 13.46
CA GLN A 530 -2.99 -10.57 14.05
C GLN A 530 -1.83 -10.86 13.09
N MET A 531 -2.10 -10.86 11.78
CA MET A 531 -1.03 -11.07 10.82
C MET A 531 -0.15 -9.84 10.67
N TRP A 532 -0.70 -8.64 10.88
CA TRP A 532 0.11 -7.43 10.92
C TRP A 532 1.14 -7.46 12.04
N LYS A 533 0.88 -8.21 13.11
CA LYS A 533 1.88 -8.37 14.16
C LYS A 533 3.08 -9.17 13.67
N LYS A 534 2.83 -10.23 12.89
CA LYS A 534 3.93 -10.97 12.29
C LYS A 534 4.73 -10.08 11.34
N VAL A 535 4.04 -9.26 10.56
CA VAL A 535 4.71 -8.38 9.60
C VAL A 535 5.53 -7.32 10.32
N ASN A 536 5.05 -6.85 11.48
CA ASN A 536 5.80 -5.86 12.24
C ASN A 536 7.16 -6.40 12.67
N ALA A 537 7.22 -7.70 12.98
CA ALA A 537 8.49 -8.31 13.38
C ALA A 537 9.49 -8.31 12.24
N TYR A 538 9.05 -8.69 11.04
CA TYR A 538 9.94 -8.76 9.89
C TYR A 538 10.43 -7.38 9.48
N THR A 539 9.61 -6.34 9.68
CA THR A 539 10.06 -4.98 9.38
C THR A 539 11.18 -4.56 10.32
N ALA A 540 11.06 -4.92 11.60
CA ALA A 540 12.06 -4.56 12.61
C ALA A 540 13.35 -5.36 12.47
N ASP A 541 13.30 -6.54 11.84
CA ASP A 541 14.50 -7.34 11.62
C ASP A 541 15.45 -6.61 10.67
N LYS A 542 16.57 -6.14 11.20
CA LYS A 542 17.56 -5.43 10.41
C LYS A 542 18.59 -6.36 9.77
N ASP A 543 18.49 -7.65 10.01
CA ASP A 543 19.38 -8.64 9.40
C ASP A 543 18.81 -9.21 8.11
N SER A 544 17.61 -8.81 7.71
CA SER A 544 17.04 -9.29 6.46
C SER A 544 17.71 -8.60 5.27
N PRO A 545 17.81 -9.28 4.13
CA PRO A 545 18.38 -8.64 2.94
C PRO A 545 17.58 -7.44 2.45
N LEU A 546 16.27 -7.40 2.74
CA LEU A 546 15.44 -6.31 2.29
C LEU A 546 15.77 -5.04 3.06
N THR A 547 15.99 -3.95 2.32
CA THR A 547 16.08 -2.64 2.94
C THR A 547 14.69 -2.22 3.42
N ARG A 548 14.67 -1.17 4.25
CA ARG A 548 13.40 -0.59 4.67
C ARG A 548 12.65 -0.03 3.48
N THR A 549 13.39 0.55 2.52
CA THR A 549 12.76 1.11 1.33
C THR A 549 12.04 0.04 0.51
N THR A 550 12.68 -1.12 0.35
CA THR A 550 12.02 -2.24 -0.33
C THR A 550 10.81 -2.75 0.46
N ALA A 551 10.91 -2.76 1.80
CA ALA A 551 9.79 -3.20 2.60
C ALA A 551 8.60 -2.25 2.49
N GLU A 552 8.84 -0.97 2.25
CA GLU A 552 7.74 0.00 2.20
C GLU A 552 6.84 -0.27 1.01
N PHE A 553 7.42 -0.67 -0.13
CA PHE A 553 6.62 -1.08 -1.27
C PHE A 553 5.61 -2.15 -0.88
N LEU A 554 6.05 -3.15 -0.13
CA LEU A 554 5.18 -4.27 0.23
C LEU A 554 4.09 -3.82 1.19
N LEU A 555 4.45 -3.06 2.22
CA LEU A 555 3.47 -2.57 3.17
C LEU A 555 2.48 -1.62 2.50
N ASN A 556 2.96 -0.73 1.63
CA ASN A 556 2.06 0.22 0.99
C ASN A 556 1.06 -0.48 0.08
N LEU A 557 1.47 -1.58 -0.55
CA LEU A 557 0.52 -2.39 -1.32
C LEU A 557 -0.59 -2.92 -0.41
N VAL A 558 -0.20 -3.48 0.74
CA VAL A 558 -1.20 -3.95 1.71
C VAL A 558 -2.04 -2.78 2.20
N ARG A 559 -1.40 -1.68 2.55
CA ARG A 559 -2.12 -0.49 2.99
C ARG A 559 -3.09 -0.01 1.92
N MET A 560 -2.71 -0.13 0.65
CA MET A 560 -3.59 0.29 -0.44
C MET A 560 -4.86 -0.55 -0.47
N SER A 561 -4.75 -1.84 -0.15
CA SER A 561 -5.92 -2.71 -0.15
C SER A 561 -6.88 -2.35 0.98
N HIS A 562 -6.34 -2.02 2.15
CA HIS A 562 -7.16 -1.48 3.24
C HIS A 562 -7.90 -0.23 2.79
N PHE A 563 -7.20 0.67 2.11
CA PHE A 563 -7.80 1.92 1.67
C PHE A 563 -8.88 1.69 0.63
N MET A 564 -8.61 0.82 -0.35
CA MET A 564 -9.59 0.58 -1.42
C MET A 564 -10.78 -0.23 -0.93
N TYR A 565 -10.66 -0.91 0.21
CA TYR A 565 -11.83 -1.56 0.79
C TYR A 565 -12.85 -0.54 1.29
N LEU A 566 -12.40 0.65 1.69
CA LEU A 566 -13.32 1.66 2.19
C LEU A 566 -13.99 2.44 1.06
N HIS A 567 -13.33 2.57 -0.10
CA HIS A 567 -13.79 3.44 -1.17
C HIS A 567 -14.02 2.63 -2.44
N GLY A 568 -15.20 2.02 -2.53
CA GLY A 568 -15.63 1.33 -3.73
C GLY A 568 -14.71 0.23 -4.23
N ASP A 580 -15.94 10.17 -5.82
CA ASP A 580 -14.80 9.34 -6.18
C ASP A 580 -13.53 9.88 -5.52
N VAL A 581 -13.03 9.14 -4.53
CA VAL A 581 -11.86 9.59 -3.79
C VAL A 581 -10.63 9.59 -4.68
N GLY A 582 -10.54 8.61 -5.58
CA GLY A 582 -9.41 8.56 -6.50
C GLY A 582 -9.38 9.78 -7.41
N PHE A 583 -10.55 10.22 -7.87
CA PHE A 583 -10.63 11.48 -8.60
C PHE A 583 -10.16 12.64 -7.75
N THR A 584 -10.60 12.68 -6.49
CA THR A 584 -10.21 13.74 -5.58
C THR A 584 -8.69 13.72 -5.34
N LEU A 585 -8.08 12.53 -5.39
CA LEU A 585 -6.65 12.44 -5.10
C LEU A 585 -5.81 12.95 -6.26
N LEU A 586 -6.23 12.69 -7.49
CA LEU A 586 -5.38 12.94 -8.66
C LEU A 586 -5.74 14.21 -9.42
N PHE A 587 -7.02 14.58 -9.48
CA PHE A 587 -7.48 15.61 -10.42
C PHE A 587 -8.05 16.85 -9.75
N GLN A 588 -8.12 16.90 -8.42
CA GLN A 588 -8.77 17.99 -7.71
C GLN A 588 -7.75 18.74 -6.86
N PRO A 589 -7.27 19.89 -7.28
CA PRO A 589 -6.27 20.62 -6.50
C PRO A 589 -6.86 21.16 -5.20
N ILE A 590 -5.96 21.51 -4.28
CA ILE A 590 -6.33 22.20 -3.06
C ILE A 590 -6.19 23.70 -3.33
N PRO A 591 -7.22 24.50 -3.07
CA PRO A 591 -7.17 25.92 -3.45
C PRO A 591 -6.05 26.67 -2.73
N LEU A 592 -5.41 27.59 -3.46
CA LEU A 592 -4.32 28.40 -2.93
C LEU A 592 -3.19 27.56 -2.34
#